data_4F3K
#
_entry.id   4F3K
#
_cell.length_a   52.490
_cell.length_b   70.490
_cell.length_c   122.830
_cell.angle_alpha   90.00
_cell.angle_beta   90.00
_cell.angle_gamma   90.00
#
_symmetry.space_group_name_H-M   'P 21 21 21'
#
loop_
_entity.id
_entity.type
_entity.pdbx_description
1 polymer "5'-methylthioadenosine/S-adenosylhomocysteine nucleosidase"
2 non-polymer {(3R,4S)-1-[(4-amino-5H-pyrrolo[3,2-d]pyrimidin-7-yl)methyl]-4-hydroxypyrrolidin-3-yl}-L-methionine
3 non-polymer 1,2-ETHANEDIOL
4 water water
#
_entity_poly.entity_id   1
_entity_poly.type   'polypeptide(L)'
_entity_poly.pdbx_seq_one_letter_code
;MHHHHHHGGLVPRGSHMKIGIIGAMEEEVTLLRDKIDNRQTITLGGCEIYTGQLNGTEVALLKSGIGKVAAALGATLLLE
HCKPDVIINTGSAGGLASTLKVGDIVVSDETRYHDADVTAFGYEYGQLPGCPAGFKADDKLIAAAESCIRELNLNAVRGL
IVSGDAFINGSVGLAKIRHNFPDAVAVEMEATAIAHVCHNFNVPFVVVRAISDVADQQSHLSFDEFLAVAAKQSTLMVET
LVQKLAHG
;
_entity_poly.pdbx_strand_id   A,B
#
loop_
_chem_comp.id
_chem_comp.type
_chem_comp.name
_chem_comp.formula
EDO non-polymer 1,2-ETHANEDIOL 'C2 H6 O2'
HCE non-polymer {(3R,4S)-1-[(4-amino-5H-pyrrolo[3,2-d]pyrimidin-7-yl)methyl]-4-hydroxypyrrolidin-3-yl}-L-methionine 'C16 H24 N6 O3 S'
#
# COMPACT_ATOMS: atom_id res chain seq x y z
N MET A 17 15.19 8.29 -23.63
CA MET A 17 14.83 8.46 -22.18
C MET A 17 13.31 8.52 -21.99
N LYS A 18 12.80 7.90 -20.93
CA LYS A 18 11.36 7.82 -20.72
C LYS A 18 11.06 8.24 -19.27
N ILE A 19 10.14 9.18 -19.14
CA ILE A 19 9.79 9.77 -17.85
C ILE A 19 8.45 9.20 -17.41
N GLY A 20 8.41 8.59 -16.23
CA GLY A 20 7.17 8.14 -15.65
C GLY A 20 6.58 9.27 -14.81
N ILE A 21 5.26 9.43 -14.89
CA ILE A 21 4.51 10.44 -14.17
C ILE A 21 3.28 9.75 -13.59
N ILE A 22 3.04 9.95 -12.28
CA ILE A 22 1.96 9.28 -11.58
C ILE A 22 1.10 10.30 -10.87
N GLY A 23 -0.20 10.22 -11.10
CA GLY A 23 -1.18 11.07 -10.41
C GLY A 23 -2.31 10.21 -9.92
N ALA A 24 -2.96 10.63 -8.85
CA ALA A 24 -4.02 9.84 -8.24
C ALA A 24 -5.37 10.04 -8.88
N MET A 25 -5.74 11.30 -9.14
CA MET A 25 -7.10 11.63 -9.55
C MET A 25 -7.18 12.07 -11.01
N GLU A 26 -8.37 11.94 -11.58
CA GLU A 26 -8.64 12.47 -12.91
C GLU A 26 -8.23 13.96 -13.00
N GLU A 27 -8.68 14.76 -12.06
CA GLU A 27 -8.34 16.20 -12.04
C GLU A 27 -6.83 16.49 -12.04
N GLU A 28 -6.03 15.62 -11.44
CA GLU A 28 -4.58 15.84 -11.36
C GLU A 28 -3.80 15.43 -12.61
N VAL A 29 -4.41 14.63 -13.48
CA VAL A 29 -3.74 14.12 -14.70
C VAL A 29 -4.36 14.62 -16.04
N THR A 30 -5.57 15.17 -15.99
CA THR A 30 -6.30 15.53 -17.22
C THR A 30 -5.58 16.57 -18.13
N LEU A 31 -4.99 17.60 -17.52
CA LEU A 31 -4.24 18.61 -18.26
C LEU A 31 -3.02 18.03 -18.94
N LEU A 32 -2.25 17.20 -18.21
CA LEU A 32 -1.08 16.55 -18.81
C LEU A 32 -1.48 15.54 -19.91
N ARG A 33 -2.56 14.77 -19.69
CA ARG A 33 -3.03 13.78 -20.68
C ARG A 33 -3.40 14.43 -22.02
N ASP A 34 -4.07 15.57 -21.94
CA ASP A 34 -4.48 16.33 -23.12
C ASP A 34 -3.29 16.79 -23.95
N LYS A 35 -2.11 16.91 -23.34
CA LYS A 35 -0.92 17.37 -24.06
C LYS A 35 -0.07 16.25 -24.65
N ILE A 36 -0.45 14.98 -24.47
CA ILE A 36 0.36 13.87 -24.98
C ILE A 36 0.10 13.61 -26.47
N ASP A 37 1.17 13.60 -27.26
CA ASP A 37 1.09 13.34 -28.72
C ASP A 37 1.21 11.85 -29.00
N ASN A 38 0.42 11.37 -29.96
CA ASN A 38 0.38 9.96 -30.30
C ASN A 38 -0.04 9.18 -29.05
N ARG A 39 -1.12 9.64 -28.44
CA ARG A 39 -1.56 9.08 -27.17
C ARG A 39 -2.17 7.70 -27.33
N GLN A 40 -1.56 6.71 -26.71
CA GLN A 40 -2.11 5.35 -26.58
C GLN A 40 -2.50 5.07 -25.12
N THR A 41 -3.67 4.47 -24.92
CA THR A 41 -4.16 4.16 -23.57
C THR A 41 -4.09 2.66 -23.28
N ILE A 42 -3.64 2.31 -22.08
CA ILE A 42 -3.68 0.95 -21.57
C ILE A 42 -4.49 0.95 -20.26
N THR A 43 -5.47 0.06 -20.17
CA THR A 43 -6.16 -0.18 -18.91
C THR A 43 -5.76 -1.55 -18.34
N LEU A 44 -5.33 -1.56 -17.08
CA LEU A 44 -5.11 -2.80 -16.35
C LEU A 44 -5.05 -2.56 -14.84
N GLY A 45 -5.67 -3.48 -14.10
CA GLY A 45 -5.63 -3.50 -12.65
C GLY A 45 -6.31 -2.31 -12.03
N GLY A 46 -7.35 -1.82 -12.69
CA GLY A 46 -8.06 -0.63 -12.26
C GLY A 46 -7.38 0.69 -12.61
N CYS A 47 -6.24 0.63 -13.31
CA CYS A 47 -5.44 1.83 -13.61
C CYS A 47 -5.40 2.15 -15.10
N GLU A 48 -5.34 3.43 -15.43
CA GLU A 48 -5.07 3.86 -16.81
C GLU A 48 -3.65 4.38 -16.96
N ILE A 49 -2.97 3.92 -18.02
CA ILE A 49 -1.68 4.42 -18.41
C ILE A 49 -1.75 5.05 -19.83
N TYR A 50 -1.29 6.29 -19.95
CA TYR A 50 -1.30 7.00 -21.22
C TYR A 50 0.15 7.20 -21.64
N THR A 51 0.48 6.76 -22.84
CA THR A 51 1.85 6.82 -23.32
C THR A 51 1.91 7.60 -24.63
N GLY A 52 3.08 8.16 -24.90
CA GLY A 52 3.25 9.09 -26.01
C GLY A 52 4.35 10.09 -25.73
N GLN A 53 4.30 11.22 -26.43
CA GLN A 53 5.33 12.25 -26.30
C GLN A 53 4.72 13.49 -25.70
N LEU A 54 5.43 14.08 -24.75
CA LEU A 54 5.05 15.36 -24.18
C LEU A 54 6.11 16.36 -24.61
N ASN A 55 5.76 17.20 -25.58
CA ASN A 55 6.74 18.10 -26.22
C ASN A 55 8.02 17.36 -26.64
N GLY A 56 7.83 16.23 -27.33
CA GLY A 56 8.94 15.45 -27.88
C GLY A 56 9.66 14.50 -26.95
N THR A 57 9.30 14.49 -25.66
CA THR A 57 9.92 13.58 -24.70
C THR A 57 8.95 12.44 -24.47
N GLU A 58 9.47 11.23 -24.41
CA GLU A 58 8.63 10.05 -24.26
C GLU A 58 8.19 10.02 -22.79
N VAL A 59 6.89 9.89 -22.58
CA VAL A 59 6.32 9.80 -21.24
C VAL A 59 5.35 8.64 -21.07
N ALA A 60 5.21 8.21 -19.83
CA ALA A 60 4.15 7.27 -19.45
C ALA A 60 3.46 7.84 -18.21
N LEU A 61 2.21 8.24 -18.37
CA LEU A 61 1.41 8.87 -17.33
C LEU A 61 0.37 7.90 -16.75
N LEU A 62 0.45 7.64 -15.44
CA LEU A 62 -0.49 6.73 -14.82
C LEU A 62 -1.49 7.45 -13.90
N LYS A 63 -2.77 7.10 -14.06
CA LYS A 63 -3.82 7.49 -13.13
C LYS A 63 -4.06 6.34 -12.16
N SER A 64 -3.69 6.52 -10.89
CA SER A 64 -3.54 5.42 -9.94
C SER A 64 -4.78 5.15 -9.12
N GLY A 65 -5.56 6.18 -8.83
CA GLY A 65 -6.54 6.07 -7.76
C GLY A 65 -5.89 6.49 -6.44
N ILE A 66 -6.71 6.53 -5.39
CA ILE A 66 -6.33 7.22 -4.16
C ILE A 66 -5.84 6.27 -3.05
N GLY A 67 -4.74 6.67 -2.39
CA GLY A 67 -4.25 5.98 -1.22
C GLY A 67 -3.03 5.12 -1.52
N LYS A 68 -2.48 4.54 -0.46
CA LYS A 68 -1.18 3.86 -0.50
C LYS A 68 -1.18 2.62 -1.38
N VAL A 69 -2.18 1.77 -1.23
CA VAL A 69 -2.26 0.53 -2.01
C VAL A 69 -2.50 0.78 -3.49
N ALA A 70 -3.41 1.70 -3.79
CA ALA A 70 -3.70 2.04 -5.18
C ALA A 70 -2.45 2.60 -5.83
N ALA A 71 -1.72 3.44 -5.10
CA ALA A 71 -0.51 4.03 -5.64
C ALA A 71 0.59 2.99 -5.82
N ALA A 72 0.64 2.01 -4.92
CA ALA A 72 1.69 1.00 -5.03
C ALA A 72 1.42 0.08 -6.20
N LEU A 73 0.18 -0.35 -6.31
CA LEU A 73 -0.29 -1.16 -7.43
CA LEU A 73 -0.29 -1.16 -7.41
C LEU A 73 0.08 -0.43 -8.71
N GLY A 74 -0.34 0.82 -8.80
CA GLY A 74 -0.08 1.67 -9.97
C GLY A 74 1.38 1.81 -10.33
N ALA A 75 2.22 2.12 -9.33
CA ALA A 75 3.63 2.27 -9.55
C ALA A 75 4.28 0.98 -10.04
N THR A 76 3.86 -0.15 -9.49
CA THR A 76 4.43 -1.42 -9.86
C THR A 76 4.14 -1.74 -11.32
N LEU A 77 2.92 -1.47 -11.74
CA LEU A 77 2.49 -1.70 -13.12
C LEU A 77 3.22 -0.80 -14.13
N LEU A 78 3.39 0.47 -13.79
CA LEU A 78 4.15 1.39 -14.60
C LEU A 78 5.59 0.95 -14.78
N LEU A 79 6.21 0.50 -13.69
CA LEU A 79 7.60 0.13 -13.72
C LEU A 79 7.82 -1.12 -14.56
N GLU A 80 6.87 -2.06 -14.47
CA GLU A 80 6.94 -3.33 -15.16
C GLU A 80 6.66 -3.22 -16.66
N HIS A 81 5.56 -2.56 -17.02
CA HIS A 81 5.21 -2.39 -18.41
C HIS A 81 6.09 -1.39 -19.15
N CYS A 82 6.21 -0.20 -18.59
CA CYS A 82 6.78 0.93 -19.31
C CYS A 82 8.24 1.19 -19.03
N LYS A 83 8.78 0.57 -17.99
CA LYS A 83 10.20 0.68 -17.67
C LYS A 83 10.71 2.14 -17.74
N PRO A 84 10.07 3.08 -17.02
CA PRO A 84 10.50 4.47 -17.12
C PRO A 84 11.85 4.65 -16.46
N ASP A 85 12.62 5.63 -16.88
CA ASP A 85 13.93 5.88 -16.28
C ASP A 85 13.84 6.56 -14.94
N VAL A 86 12.77 7.32 -14.74
CA VAL A 86 12.55 8.07 -13.52
C VAL A 86 11.06 8.13 -13.29
N ILE A 87 10.65 8.40 -12.05
CA ILE A 87 9.25 8.65 -11.70
C ILE A 87 9.05 10.01 -11.02
N ILE A 88 8.11 10.78 -11.56
CA ILE A 88 7.63 12.03 -10.96
C ILE A 88 6.22 11.82 -10.45
N ASN A 89 6.02 12.03 -9.15
CA ASN A 89 4.67 12.00 -8.58
C ASN A 89 4.14 13.42 -8.49
N THR A 90 2.99 13.65 -9.10
CA THR A 90 2.39 14.97 -9.19
C THR A 90 1.00 14.97 -8.60
N GLY A 91 0.43 16.18 -8.46
CA GLY A 91 -0.91 16.33 -7.86
C GLY A 91 -0.98 17.41 -6.79
N SER A 92 -1.95 17.27 -5.91
CA SER A 92 -2.23 18.23 -4.86
C SER A 92 -1.60 17.74 -3.57
N ALA A 93 -1.65 18.59 -2.54
CA ALA A 93 -1.19 18.24 -1.23
C ALA A 93 -1.70 19.22 -0.20
N GLY A 94 -1.63 18.79 1.07
CA GLY A 94 -1.99 19.62 2.23
C GLY A 94 -0.74 20.29 2.75
N GLY A 95 -0.74 21.60 2.75
CA GLY A 95 0.43 22.34 3.18
C GLY A 95 0.56 22.39 4.69
N LEU A 96 1.76 22.17 5.18
CA LEU A 96 2.05 22.26 6.60
C LEU A 96 3.02 23.40 6.90
N ALA A 97 3.97 23.67 6.00
CA ALA A 97 4.97 24.71 6.21
C ALA A 97 4.32 26.10 6.23
N SER A 98 4.78 26.97 7.14
CA SER A 98 4.08 28.22 7.38
C SER A 98 4.01 29.16 6.14
N THR A 99 4.96 29.09 5.22
CA THR A 99 4.99 30.02 4.07
C THR A 99 4.14 29.58 2.85
N LEU A 100 3.56 28.39 2.90
CA LEU A 100 2.77 27.88 1.79
C LEU A 100 1.37 28.46 1.76
N LYS A 101 0.96 28.87 0.57
CA LYS A 101 -0.39 29.26 0.33
C LYS A 101 -0.91 28.33 -0.75
N VAL A 102 -2.22 28.32 -0.90
CA VAL A 102 -2.84 27.54 -1.95
C VAL A 102 -2.25 27.87 -3.34
N GLY A 103 -1.87 26.82 -4.07
CA GLY A 103 -1.17 26.96 -5.35
C GLY A 103 0.35 26.91 -5.28
N ASP A 104 0.95 27.08 -4.10
CA ASP A 104 2.41 27.00 -4.00
C ASP A 104 2.94 25.58 -4.16
N ILE A 105 4.24 25.45 -4.41
CA ILE A 105 4.82 24.17 -4.83
C ILE A 105 5.55 23.53 -3.68
N VAL A 106 5.40 22.21 -3.55
CA VAL A 106 6.23 21.45 -2.63
C VAL A 106 7.01 20.40 -3.38
N VAL A 107 8.32 20.34 -3.09
CA VAL A 107 9.23 19.34 -3.62
C VAL A 107 9.77 18.46 -2.49
N SER A 108 9.67 17.13 -2.68
CA SER A 108 10.16 16.18 -1.69
C SER A 108 11.69 16.19 -1.64
N ASP A 109 12.27 16.37 -0.48
CA ASP A 109 13.65 15.86 -0.35
C ASP A 109 13.66 14.46 0.27
N GLU A 110 12.55 14.11 0.91
CA GLU A 110 12.40 12.82 1.58
C GLU A 110 10.93 12.56 1.78
N THR A 111 10.55 11.29 1.91
CA THR A 111 9.17 10.94 2.25
C THR A 111 9.15 9.92 3.37
N ARG A 112 8.15 10.01 4.22
CA ARG A 112 7.95 9.10 5.35
C ARG A 112 6.48 8.84 5.51
N TYR A 113 6.18 7.63 5.99
CA TYR A 113 4.82 7.27 6.39
C TYR A 113 4.52 7.95 7.71
N HIS A 114 3.46 8.73 7.80
CA HIS A 114 3.09 9.30 9.10
C HIS A 114 2.24 8.37 9.96
N ASP A 115 1.70 7.33 9.36
CA ASP A 115 0.73 6.43 10.02
C ASP A 115 1.30 5.04 10.29
N ALA A 116 2.59 4.81 10.03
CA ALA A 116 3.18 3.48 10.29
C ALA A 116 3.77 3.39 11.70
N ASP A 117 3.47 2.32 12.41
CA ASP A 117 3.90 2.19 13.79
C ASP A 117 4.21 0.74 14.19
N VAL A 118 5.48 0.41 14.16
CA VAL A 118 6.00 -0.86 14.67
CA VAL A 118 6.00 -0.85 14.66
C VAL A 118 7.06 -0.54 15.74
N THR A 119 6.81 0.52 16.51
CA THR A 119 7.74 0.96 17.57
C THR A 119 7.87 -0.07 18.70
N ALA A 120 6.83 -0.89 18.89
CA ALA A 120 6.86 -2.00 19.83
C ALA A 120 8.06 -2.93 19.62
N PHE A 121 8.60 -2.99 18.40
CA PHE A 121 9.78 -3.79 18.06
C PHE A 121 11.04 -2.96 17.83
N GLY A 122 11.05 -1.73 18.34
CA GLY A 122 12.24 -0.89 18.28
C GLY A 122 12.48 -0.05 17.05
N TYR A 123 11.54 -0.03 16.10
CA TYR A 123 11.71 0.82 14.94
C TYR A 123 11.35 2.24 15.27
N GLU A 124 11.89 3.16 14.50
CA GLU A 124 11.56 4.56 14.57
C GLU A 124 10.09 4.70 14.18
N TYR A 125 9.39 5.69 14.74
CA TYR A 125 8.03 5.96 14.33
C TYR A 125 7.93 6.26 12.79
N GLY A 126 6.97 5.62 12.12
CA GLY A 126 6.83 5.79 10.69
C GLY A 126 7.66 4.80 9.86
N GLN A 127 8.57 4.05 10.49
CA GLN A 127 9.38 3.09 9.73
C GLN A 127 8.72 1.71 9.69
N LEU A 128 8.73 1.05 8.54
CA LEU A 128 8.27 -0.32 8.45
CA LEU A 128 8.26 -0.33 8.43
C LEU A 128 9.48 -1.25 8.47
N PRO A 129 9.32 -2.44 9.07
CA PRO A 129 10.42 -3.40 9.08
C PRO A 129 10.95 -3.68 7.67
N GLY A 130 12.28 -3.71 7.52
CA GLY A 130 12.88 -3.96 6.23
C GLY A 130 13.01 -2.71 5.37
N CYS A 131 12.59 -1.56 5.88
CA CYS A 131 12.67 -0.31 5.17
C CYS A 131 13.54 0.68 5.90
N PRO A 132 14.14 1.62 5.15
CA PRO A 132 14.68 2.79 5.84
C PRO A 132 13.55 3.60 6.51
N ALA A 133 13.88 4.38 7.52
CA ALA A 133 12.89 5.18 8.19
C ALA A 133 12.27 6.25 7.29
N GLY A 134 13.05 6.72 6.31
CA GLY A 134 12.54 7.62 5.26
C GLY A 134 13.16 7.28 3.92
N PHE A 135 12.49 7.67 2.84
CA PHE A 135 13.00 7.47 1.49
C PHE A 135 13.47 8.80 0.92
N LYS A 136 14.75 8.87 0.58
CA LYS A 136 15.34 10.11 0.03
C LYS A 136 14.98 10.25 -1.45
N ALA A 137 14.53 11.43 -1.86
CA ALA A 137 14.29 11.73 -3.25
C ALA A 137 15.63 11.93 -3.98
N ASP A 138 15.63 11.68 -5.27
CA ASP A 138 16.85 11.77 -6.08
C ASP A 138 17.40 13.21 -6.17
N ASP A 139 18.69 13.38 -5.87
CA ASP A 139 19.32 14.70 -5.89
C ASP A 139 19.25 15.41 -7.23
N LYS A 140 19.54 14.69 -8.30
CA LYS A 140 19.45 15.29 -9.65
C LYS A 140 18.01 15.73 -10.00
N LEU A 141 17.02 14.95 -9.59
CA LEU A 141 15.62 15.31 -9.84
C LEU A 141 15.24 16.54 -9.02
N ILE A 142 15.72 16.61 -7.78
CA ILE A 142 15.43 17.75 -6.93
C ILE A 142 16.01 19.05 -7.53
N ALA A 143 17.25 18.97 -8.00
CA ALA A 143 17.93 20.13 -8.56
C ALA A 143 17.21 20.62 -9.83
N ALA A 144 16.80 19.70 -10.69
CA ALA A 144 15.99 20.07 -11.86
C ALA A 144 14.68 20.73 -11.45
N ALA A 145 14.01 20.16 -10.46
CA ALA A 145 12.78 20.75 -10.03
C ALA A 145 13.02 22.16 -9.43
N GLU A 146 14.14 22.38 -8.72
CA GLU A 146 14.43 23.73 -8.24
C GLU A 146 14.66 24.76 -9.40
N SER A 147 15.28 24.31 -10.49
CA SER A 147 15.45 25.19 -11.64
CA SER A 147 15.46 25.13 -11.69
C SER A 147 14.11 25.51 -12.31
N CYS A 148 13.15 24.58 -12.28
CA CYS A 148 11.80 24.84 -12.78
C CYS A 148 11.08 25.88 -11.94
N ILE A 149 11.20 25.75 -10.63
CA ILE A 149 10.58 26.71 -9.72
C ILE A 149 11.05 28.12 -10.05
N ARG A 150 12.37 28.26 -10.24
CA ARG A 150 12.98 29.53 -10.59
C ARG A 150 12.49 30.08 -11.93
N GLU A 151 12.49 29.24 -12.97
CA GLU A 151 12.03 29.61 -14.33
C GLU A 151 10.57 30.10 -14.34
N LEU A 152 9.73 29.48 -13.51
CA LEU A 152 8.29 29.78 -13.47
C LEU A 152 7.94 30.82 -12.41
N ASN A 153 8.95 31.29 -11.69
CA ASN A 153 8.77 32.31 -10.67
CA ASN A 153 8.79 32.29 -10.64
C ASN A 153 7.79 31.90 -9.56
N LEU A 154 7.84 30.65 -9.09
CA LEU A 154 6.83 30.16 -8.15
C LEU A 154 7.33 30.22 -6.72
N ASN A 155 6.40 30.30 -5.76
CA ASN A 155 6.76 30.11 -4.33
C ASN A 155 6.74 28.61 -4.07
N ALA A 156 7.79 28.10 -3.43
CA ALA A 156 7.92 26.67 -3.20
C ALA A 156 8.68 26.39 -1.92
N VAL A 157 8.44 25.24 -1.32
CA VAL A 157 9.25 24.76 -0.20
C VAL A 157 9.71 23.33 -0.53
N ARG A 158 10.97 23.05 -0.27
CA ARG A 158 11.57 21.73 -0.43
C ARG A 158 11.70 21.10 0.96
N GLY A 159 11.22 19.86 1.12
CA GLY A 159 11.28 19.26 2.42
C GLY A 159 10.73 17.86 2.56
N LEU A 160 10.59 17.44 3.81
CA LEU A 160 9.91 16.21 4.15
C LEU A 160 8.43 16.29 3.80
N ILE A 161 7.99 15.31 3.03
CA ILE A 161 6.59 15.13 2.79
C ILE A 161 6.16 13.84 3.45
N VAL A 162 5.07 13.88 4.18
CA VAL A 162 4.57 12.68 4.82
C VAL A 162 3.27 12.15 4.19
N SER A 163 3.17 10.82 4.15
CA SER A 163 1.98 10.18 3.60
C SER A 163 1.30 9.20 4.57
N GLY A 164 0.00 9.07 4.39
CA GLY A 164 -0.81 8.11 5.13
C GLY A 164 -2.12 7.87 4.40
N ASP A 165 -2.94 6.96 4.89
CA ASP A 165 -4.23 6.67 4.25
C ASP A 165 -5.37 7.52 4.83
N ALA A 166 -5.09 8.78 5.17
CA ALA A 166 -6.11 9.69 5.75
C ALA A 166 -6.02 11.05 5.10
N PHE A 167 -7.20 11.65 4.87
CA PHE A 167 -7.30 13.04 4.47
C PHE A 167 -7.30 13.88 5.74
N ILE A 168 -6.26 14.69 5.89
CA ILE A 168 -6.01 15.42 7.12
C ILE A 168 -6.88 16.67 7.15
N ASN A 169 -7.64 16.80 8.25
CA ASN A 169 -8.75 17.75 8.36
C ASN A 169 -8.77 18.38 9.76
N GLY A 170 -7.63 18.89 10.21
CA GLY A 170 -7.49 19.55 11.50
C GLY A 170 -7.58 18.62 12.70
N SER A 171 -8.04 19.16 13.83
CA SER A 171 -8.22 18.38 15.08
C SER A 171 -6.95 17.59 15.42
N VAL A 172 -7.13 16.41 15.99
CA VAL A 172 -6.06 15.63 16.52
C VAL A 172 -5.24 14.98 15.40
N GLY A 173 -5.87 14.65 14.27
CA GLY A 173 -5.15 14.13 13.11
C GLY A 173 -3.99 15.01 12.69
N LEU A 174 -4.19 16.33 12.68
CA LEU A 174 -3.13 17.25 12.32
C LEU A 174 -2.11 17.44 13.42
N ALA A 175 -2.59 17.61 14.66
CA ALA A 175 -1.69 17.78 15.80
C ALA A 175 -0.74 16.59 15.86
N LYS A 176 -1.25 15.39 15.63
CA LYS A 176 -0.39 14.20 15.69
C LYS A 176 0.76 14.27 14.66
N ILE A 177 0.45 14.73 13.46
CA ILE A 177 1.46 14.83 12.41
C ILE A 177 2.48 15.90 12.72
N ARG A 178 1.99 17.06 13.16
CA ARG A 178 2.86 18.17 13.51
C ARG A 178 3.80 17.78 14.68
N HIS A 179 3.29 17.03 15.64
CA HIS A 179 4.13 16.54 16.74
C HIS A 179 5.13 15.46 16.31
N ASN A 180 4.71 14.46 15.56
CA ASN A 180 5.61 13.40 15.17
C ASN A 180 6.61 13.87 14.13
N PHE A 181 6.23 14.81 13.27
CA PHE A 181 7.07 15.20 12.14
C PHE A 181 7.08 16.70 12.02
N PRO A 182 7.77 17.36 12.97
CA PRO A 182 7.68 18.82 12.99
C PRO A 182 8.36 19.47 11.78
N ASP A 183 9.18 18.74 11.04
CA ASP A 183 9.82 19.30 9.86
C ASP A 183 9.07 19.01 8.56
N ALA A 184 7.98 18.24 8.64
CA ALA A 184 7.20 17.94 7.44
C ALA A 184 6.64 19.25 6.90
N VAL A 185 6.77 19.45 5.59
CA VAL A 185 6.30 20.65 4.92
C VAL A 185 4.94 20.45 4.25
N ALA A 186 4.54 19.18 4.08
CA ALA A 186 3.28 18.86 3.44
C ALA A 186 2.90 17.40 3.70
N VAL A 187 1.61 17.14 3.53
CA VAL A 187 1.04 15.83 3.79
C VAL A 187 0.15 15.40 2.59
N GLU A 188 0.21 14.14 2.23
CA GLU A 188 -0.72 13.63 1.25
C GLU A 188 -0.91 12.12 1.44
N MET A 189 -1.33 11.40 0.41
CA MET A 189 -1.78 10.02 0.63
C MET A 189 -1.11 8.96 -0.23
N GLU A 190 -0.17 9.32 -1.09
CA GLU A 190 0.39 8.36 -2.07
C GLU A 190 1.91 8.40 -2.17
N ALA A 191 2.53 9.54 -1.93
CA ALA A 191 3.93 9.77 -2.31
C ALA A 191 4.90 8.73 -1.76
N THR A 192 4.74 8.43 -0.48
CA THR A 192 5.72 7.57 0.20
C THR A 192 5.62 6.12 -0.29
N ALA A 193 4.39 5.70 -0.66
CA ALA A 193 4.14 4.40 -1.23
C ALA A 193 4.84 4.27 -2.59
N ILE A 194 4.80 5.32 -3.38
CA ILE A 194 5.51 5.33 -4.64
C ILE A 194 7.03 5.32 -4.39
N ALA A 195 7.49 6.07 -3.41
CA ALA A 195 8.94 6.14 -3.05
C ALA A 195 9.45 4.77 -2.62
N HIS A 196 8.62 4.08 -1.85
CA HIS A 196 8.84 2.70 -1.42
C HIS A 196 8.99 1.71 -2.60
N VAL A 197 8.02 1.73 -3.51
CA VAL A 197 8.12 0.89 -4.70
C VAL A 197 9.37 1.22 -5.57
N CYS A 198 9.60 2.50 -5.84
CA CYS A 198 10.81 2.95 -6.54
C CYS A 198 12.09 2.55 -5.82
N HIS A 199 12.06 2.58 -4.51
CA HIS A 199 13.20 2.13 -3.70
C HIS A 199 13.52 0.65 -4.02
N ASN A 200 12.46 -0.17 -4.05
CA ASN A 200 12.58 -1.59 -4.26
C ASN A 200 12.99 -1.96 -5.68
N PHE A 201 12.76 -1.08 -6.63
CA PHE A 201 13.20 -1.27 -8.02
C PHE A 201 14.40 -0.40 -8.38
N ASN A 202 15.01 0.30 -7.41
CA ASN A 202 16.12 1.21 -7.69
CA ASN A 202 16.12 1.21 -7.68
C ASN A 202 15.84 2.20 -8.84
N VAL A 203 14.69 2.88 -8.79
CA VAL A 203 14.36 3.92 -9.78
C VAL A 203 14.32 5.29 -9.10
N PRO A 204 15.00 6.28 -9.69
CA PRO A 204 14.91 7.65 -9.17
C PRO A 204 13.50 8.18 -9.12
N PHE A 205 13.20 8.86 -8.00
CA PHE A 205 11.88 9.39 -7.69
C PHE A 205 11.94 10.82 -7.09
N VAL A 206 10.93 11.61 -7.44
CA VAL A 206 10.70 12.91 -6.83
C VAL A 206 9.18 13.19 -6.78
N VAL A 207 8.75 13.88 -5.73
CA VAL A 207 7.39 14.40 -5.63
C VAL A 207 7.43 15.89 -5.98
N VAL A 208 6.54 16.29 -6.88
CA VAL A 208 6.37 17.71 -7.20
C VAL A 208 4.87 17.97 -7.12
N ARG A 209 4.42 18.52 -6.01
CA ARG A 209 2.97 18.75 -5.82
C ARG A 209 2.63 20.23 -5.57
N ALA A 210 1.36 20.58 -5.71
CA ALA A 210 0.91 21.94 -5.40
C ALA A 210 -0.14 21.95 -4.27
N ILE A 211 -0.07 22.97 -3.42
CA ILE A 211 -0.93 23.07 -2.26
C ILE A 211 -2.40 23.39 -2.60
N SER A 212 -3.29 22.53 -2.14
CA SER A 212 -4.74 22.68 -2.33
C SER A 212 -5.47 23.11 -1.04
N ASP A 213 -4.78 23.06 0.10
CA ASP A 213 -5.40 23.31 1.42
C ASP A 213 -4.29 23.24 2.46
N VAL A 214 -4.59 23.63 3.68
CA VAL A 214 -3.59 23.63 4.75
C VAL A 214 -3.91 22.60 5.84
N ALA A 215 -4.69 21.58 5.47
CA ALA A 215 -4.88 20.37 6.31
C ALA A 215 -5.54 20.65 7.66
N ASP A 216 -6.24 21.80 7.72
CA ASP A 216 -6.98 22.20 8.92
C ASP A 216 -8.45 21.79 8.84
N GLN A 217 -9.25 22.30 9.76
CA GLN A 217 -10.65 21.92 9.84
C GLN A 217 -11.45 22.30 8.57
N GLN A 218 -10.95 23.22 7.77
CA GLN A 218 -11.59 23.58 6.50
C GLN A 218 -10.98 22.92 5.27
N SER A 219 -10.12 21.91 5.44
CA SER A 219 -9.32 21.41 4.33
C SER A 219 -10.13 20.76 3.24
N HIS A 220 -11.25 20.12 3.60
CA HIS A 220 -12.19 19.52 2.68
C HIS A 220 -12.87 20.55 1.75
N LEU A 221 -13.18 21.72 2.28
CA LEU A 221 -13.79 22.78 1.48
C LEU A 221 -12.77 23.50 0.61
N SER A 222 -11.62 23.76 1.17
CA SER A 222 -10.51 24.35 0.43
C SER A 222 -10.11 23.41 -0.72
N PHE A 223 -10.13 22.10 -0.48
CA PHE A 223 -9.73 21.13 -1.49
C PHE A 223 -10.67 21.17 -2.69
N ASP A 224 -11.96 21.12 -2.40
CA ASP A 224 -12.99 21.18 -3.44
C ASP A 224 -12.85 22.44 -4.30
N GLU A 225 -12.59 23.57 -3.66
CA GLU A 225 -12.45 24.84 -4.35
C GLU A 225 -11.12 24.97 -5.10
N PHE A 226 -10.01 24.51 -4.51
CA PHE A 226 -8.72 24.79 -5.10
C PHE A 226 -7.96 23.62 -5.73
N LEU A 227 -8.58 22.45 -5.84
CA LEU A 227 -8.02 21.32 -6.61
C LEU A 227 -7.62 21.69 -8.05
N ALA A 228 -8.45 22.45 -8.72
CA ALA A 228 -8.14 22.82 -10.09
C ALA A 228 -6.91 23.75 -10.18
N VAL A 229 -6.76 24.67 -9.23
CA VAL A 229 -5.58 25.51 -9.16
C VAL A 229 -4.32 24.68 -8.89
N ALA A 230 -4.37 23.82 -7.87
CA ALA A 230 -3.24 22.92 -7.55
C ALA A 230 -2.88 22.06 -8.76
N ALA A 231 -3.87 21.52 -9.45
CA ALA A 231 -3.57 20.71 -10.64
C ALA A 231 -2.91 21.51 -11.75
N LYS A 232 -3.42 22.71 -12.02
CA LYS A 232 -2.81 23.58 -13.02
C LYS A 232 -1.35 23.90 -12.67
N GLN A 233 -1.07 24.21 -11.41
CA GLN A 233 0.29 24.61 -11.06
C GLN A 233 1.26 23.42 -11.07
N SER A 234 0.79 22.25 -10.64
CA SER A 234 1.67 21.08 -10.63
C SER A 234 1.95 20.65 -12.08
N THR A 235 0.94 20.82 -12.93
CA THR A 235 1.08 20.51 -14.35
C THR A 235 2.13 21.41 -15.02
N LEU A 236 2.01 22.71 -14.79
CA LEU A 236 3.04 23.66 -15.26
C LEU A 236 4.43 23.20 -14.85
N MET A 237 4.61 22.88 -13.56
CA MET A 237 5.87 22.32 -13.05
C MET A 237 6.32 21.04 -13.76
N VAL A 238 5.37 20.10 -13.93
CA VAL A 238 5.72 18.80 -14.50
C VAL A 238 6.12 18.90 -15.99
N GLU A 239 5.33 19.62 -16.78
CA GLU A 239 5.68 19.94 -18.15
C GLU A 239 7.07 20.56 -18.30
N THR A 240 7.40 21.51 -17.42
CA THR A 240 8.73 22.12 -17.45
C THR A 240 9.83 21.12 -17.08
N LEU A 241 9.61 20.37 -16.01
CA LEU A 241 10.60 19.42 -15.52
C LEU A 241 10.91 18.34 -16.55
N VAL A 242 9.90 17.88 -17.28
CA VAL A 242 10.09 16.87 -18.29
C VAL A 242 11.05 17.40 -19.36
N GLN A 243 10.85 18.66 -19.76
CA GLN A 243 11.70 19.32 -20.73
C GLN A 243 13.13 19.45 -20.20
N LYS A 244 13.29 19.97 -18.99
CA LYS A 244 14.60 20.04 -18.35
C LYS A 244 15.31 18.68 -18.32
N LEU A 245 14.56 17.60 -18.08
CA LEU A 245 15.17 16.28 -17.94
C LEU A 245 15.66 15.71 -19.29
N ALA A 246 14.96 16.02 -20.38
CA ALA A 246 15.35 15.57 -21.74
C ALA A 246 16.29 16.54 -22.46
N MET B 17 -4.75 -26.01 -12.55
CA MET B 17 -4.98 -24.85 -11.64
C MET B 17 -3.67 -24.35 -11.01
N LYS B 18 -3.54 -23.02 -10.89
CA LYS B 18 -2.39 -22.44 -10.23
C LYS B 18 -2.83 -21.61 -9.03
N ILE B 19 -2.35 -22.00 -7.85
CA ILE B 19 -2.67 -21.31 -6.58
C ILE B 19 -1.54 -20.35 -6.18
N GLY B 20 -1.90 -19.09 -5.95
CA GLY B 20 -0.96 -18.12 -5.43
C GLY B 20 -1.07 -18.06 -3.92
N ILE B 21 0.08 -18.05 -3.25
CA ILE B 21 0.12 -17.92 -1.81
C ILE B 21 1.03 -16.73 -1.48
N ILE B 22 0.59 -15.88 -0.56
CA ILE B 22 1.41 -14.77 -0.10
C ILE B 22 1.56 -14.76 1.42
N GLY B 23 2.80 -14.64 1.87
CA GLY B 23 3.10 -14.42 3.29
C GLY B 23 4.12 -13.29 3.39
N ALA B 24 4.21 -12.65 4.56
CA ALA B 24 5.02 -11.44 4.73
C ALA B 24 6.43 -11.72 5.21
N MET B 25 6.57 -12.67 6.13
CA MET B 25 7.79 -12.91 6.83
C MET B 25 8.43 -14.22 6.42
N GLU B 26 9.75 -14.29 6.56
CA GLU B 26 10.50 -15.52 6.38
C GLU B 26 9.84 -16.66 7.18
N GLU B 27 9.57 -16.40 8.47
CA GLU B 27 9.01 -17.43 9.35
C GLU B 27 7.65 -17.93 8.85
N GLU B 28 6.92 -17.07 8.17
CA GLU B 28 5.58 -17.42 7.68
C GLU B 28 5.59 -18.20 6.37
N VAL B 29 6.64 -18.11 5.56
CA VAL B 29 6.67 -18.82 4.28
C VAL B 29 7.62 -20.01 4.24
N THR B 30 8.50 -20.13 5.22
CA THR B 30 9.58 -21.10 5.15
C THR B 30 9.14 -22.55 5.15
N LEU B 31 8.09 -22.89 5.91
CA LEU B 31 7.60 -24.27 5.96
C LEU B 31 6.98 -24.68 4.64
N LEU B 32 6.17 -23.81 4.06
CA LEU B 32 5.57 -24.05 2.75
C LEU B 32 6.63 -24.10 1.64
N ARG B 33 7.61 -23.22 1.72
CA ARG B 33 8.67 -23.20 0.72
C ARG B 33 9.34 -24.57 0.65
N ASP B 34 9.61 -25.16 1.82
CA ASP B 34 10.28 -26.44 1.90
C ASP B 34 9.50 -27.59 1.30
N LYS B 35 8.18 -27.49 1.27
CA LYS B 35 7.35 -28.54 0.68
C LYS B 35 7.19 -28.42 -0.84
N ILE B 36 7.71 -27.35 -1.44
CA ILE B 36 7.55 -27.15 -2.90
C ILE B 36 8.54 -28.03 -3.67
N ASP B 37 8.00 -28.90 -4.52
CA ASP B 37 8.83 -29.76 -5.37
C ASP B 37 9.23 -29.01 -6.63
N ASN B 38 10.46 -29.28 -7.08
CA ASN B 38 11.02 -28.69 -8.31
C ASN B 38 10.98 -27.17 -8.23
N ARG B 39 11.30 -26.68 -7.04
CA ARG B 39 11.19 -25.27 -6.75
C ARG B 39 12.17 -24.44 -7.54
N GLN B 40 11.69 -23.33 -8.07
CA GLN B 40 12.59 -22.30 -8.57
C GLN B 40 12.26 -20.98 -7.90
N THR B 41 13.28 -20.15 -7.76
CA THR B 41 13.14 -18.85 -7.14
C THR B 41 13.41 -17.74 -8.13
N ILE B 42 12.55 -16.71 -8.10
CA ILE B 42 12.78 -15.45 -8.76
C ILE B 42 12.81 -14.38 -7.67
N THR B 43 13.68 -13.39 -7.83
CA THR B 43 13.65 -12.17 -7.00
C THR B 43 13.33 -10.98 -7.90
N LEU B 44 12.34 -10.17 -7.52
CA LEU B 44 12.11 -8.91 -8.19
C LEU B 44 11.37 -7.92 -7.25
N GLY B 45 11.73 -6.65 -7.38
CA GLY B 45 11.15 -5.59 -6.56
C GLY B 45 11.29 -5.84 -5.06
N GLY B 46 12.36 -6.54 -4.66
CA GLY B 46 12.56 -6.93 -3.26
C GLY B 46 11.70 -8.08 -2.74
N CYS B 47 10.97 -8.74 -3.63
CA CYS B 47 10.12 -9.87 -3.29
C CYS B 47 10.70 -11.16 -3.87
N GLU B 48 10.53 -12.27 -3.17
CA GLU B 48 10.96 -13.58 -3.67
C GLU B 48 9.71 -14.35 -4.02
N ILE B 49 9.67 -14.92 -5.23
CA ILE B 49 8.62 -15.84 -5.63
C ILE B 49 9.22 -17.24 -5.83
N TYR B 50 8.62 -18.24 -5.19
CA TYR B 50 9.01 -19.64 -5.29
C TYR B 50 7.88 -20.37 -6.03
N THR B 51 8.21 -20.98 -7.17
CA THR B 51 7.25 -21.73 -7.99
C THR B 51 7.63 -23.20 -8.04
N GLY B 52 6.64 -24.03 -8.29
CA GLY B 52 6.82 -25.48 -8.22
C GLY B 52 5.50 -26.15 -7.92
N GLN B 53 5.56 -27.39 -7.47
CA GLN B 53 4.33 -28.12 -7.16
C GLN B 53 4.29 -28.43 -5.68
N LEU B 54 3.14 -28.21 -5.10
CA LEU B 54 2.89 -28.59 -3.73
C LEU B 54 1.92 -29.77 -3.74
N ASN B 55 2.44 -30.97 -3.46
CA ASN B 55 1.64 -32.21 -3.51
C ASN B 55 0.94 -32.38 -4.84
N GLY B 56 1.62 -32.07 -5.94
CA GLY B 56 1.04 -32.18 -7.29
C GLY B 56 0.42 -30.92 -7.88
N THR B 57 -0.01 -29.97 -7.04
CA THR B 57 -0.68 -28.75 -7.54
C THR B 57 0.35 -27.63 -7.78
N GLU B 58 0.24 -26.96 -8.92
CA GLU B 58 1.08 -25.84 -9.24
C GLU B 58 0.78 -24.68 -8.30
N VAL B 59 1.82 -24.22 -7.61
CA VAL B 59 1.74 -23.04 -6.73
C VAL B 59 2.81 -22.02 -7.07
N ALA B 60 2.56 -20.80 -6.63
CA ALA B 60 3.53 -19.74 -6.68
C ALA B 60 3.41 -19.05 -5.33
N LEU B 61 4.51 -19.04 -4.57
CA LEU B 61 4.51 -18.56 -3.20
C LEU B 61 5.38 -17.31 -3.14
N LEU B 62 4.80 -16.23 -2.70
CA LEU B 62 5.50 -14.95 -2.59
C LEU B 62 5.75 -14.55 -1.13
N LYS B 63 6.98 -14.11 -0.89
CA LYS B 63 7.39 -13.50 0.37
C LYS B 63 7.47 -12.02 0.11
N SER B 64 6.51 -11.29 0.66
CA SER B 64 6.31 -9.87 0.34
C SER B 64 7.08 -8.86 1.20
N GLY B 65 7.37 -9.20 2.44
CA GLY B 65 7.72 -8.20 3.40
C GLY B 65 6.46 -7.60 4.04
N ILE B 66 6.67 -6.69 4.97
CA ILE B 66 5.64 -6.34 5.92
C ILE B 66 4.95 -5.01 5.61
N GLY B 67 3.63 -5.00 5.80
CA GLY B 67 2.86 -3.77 5.73
C GLY B 67 2.11 -3.62 4.42
N LYS B 68 1.33 -2.56 4.30
CA LYS B 68 0.38 -2.47 3.18
C LYS B 68 0.99 -2.38 1.80
N VAL B 69 1.99 -1.52 1.67
CA VAL B 69 2.65 -1.26 0.42
C VAL B 69 3.51 -2.45 0.01
N ALA B 70 4.26 -3.04 0.94
CA ALA B 70 5.02 -4.24 0.59
C ALA B 70 4.10 -5.34 0.05
N ALA B 71 2.98 -5.55 0.72
CA ALA B 71 1.97 -6.52 0.27
C ALA B 71 1.38 -6.21 -1.08
N ALA B 72 1.00 -4.95 -1.35
CA ALA B 72 0.38 -4.60 -2.65
C ALA B 72 1.34 -4.79 -3.82
N LEU B 73 2.58 -4.36 -3.60
CA LEU B 73 3.63 -4.54 -4.57
C LEU B 73 3.82 -6.04 -4.86
N GLY B 74 3.91 -6.85 -3.80
CA GLY B 74 4.08 -8.28 -3.94
C GLY B 74 2.91 -8.91 -4.66
N ALA B 75 1.70 -8.54 -4.28
CA ALA B 75 0.49 -9.10 -4.91
C ALA B 75 0.40 -8.78 -6.44
N THR B 76 0.72 -7.54 -6.79
CA THR B 76 0.70 -7.06 -8.19
C THR B 76 1.70 -7.84 -9.01
N LEU B 77 2.90 -8.03 -8.48
CA LEU B 77 3.90 -8.85 -9.18
C LEU B 77 3.47 -10.30 -9.40
N LEU B 78 2.85 -10.90 -8.39
CA LEU B 78 2.44 -12.28 -8.43
C LEU B 78 1.36 -12.46 -9.49
N LEU B 79 0.41 -11.54 -9.52
CA LEU B 79 -0.66 -11.56 -10.49
C LEU B 79 -0.12 -11.41 -11.92
N GLU B 80 0.69 -10.38 -12.13
CA GLU B 80 1.27 -10.07 -13.43
C GLU B 80 2.22 -11.13 -13.99
N HIS B 81 3.10 -11.67 -13.16
CA HIS B 81 4.08 -12.63 -13.63
C HIS B 81 3.62 -14.09 -13.58
N CYS B 82 2.89 -14.47 -12.54
CA CYS B 82 2.57 -15.89 -12.38
C CYS B 82 1.11 -16.22 -12.72
N LYS B 83 0.28 -15.20 -12.92
CA LYS B 83 -1.13 -15.38 -13.27
C LYS B 83 -1.87 -16.56 -12.58
N PRO B 84 -1.96 -16.52 -11.26
CA PRO B 84 -2.62 -17.58 -10.51
C PRO B 84 -4.13 -17.45 -10.62
N ASP B 85 -4.85 -18.56 -10.42
CA ASP B 85 -6.31 -18.53 -10.48
C ASP B 85 -6.92 -17.95 -9.22
N VAL B 86 -6.27 -18.20 -8.09
CA VAL B 86 -6.71 -17.68 -6.78
C VAL B 86 -5.49 -17.29 -5.96
N ILE B 87 -5.73 -16.46 -4.96
CA ILE B 87 -4.71 -16.12 -3.99
C ILE B 87 -5.19 -16.42 -2.56
N ILE B 88 -4.28 -17.05 -1.79
CA ILE B 88 -4.45 -17.31 -0.39
C ILE B 88 -3.34 -16.53 0.36
N ASN B 89 -3.75 -15.72 1.33
CA ASN B 89 -2.85 -14.98 2.20
C ASN B 89 -2.73 -15.76 3.50
N THR B 90 -1.49 -16.12 3.86
CA THR B 90 -1.17 -16.90 5.02
C THR B 90 -0.29 -16.14 6.04
N GLY B 91 -0.15 -16.70 7.23
CA GLY B 91 0.76 -16.16 8.27
C GLY B 91 0.08 -16.02 9.60
N SER B 92 0.56 -15.10 10.42
CA SER B 92 0.06 -14.91 11.76
C SER B 92 -0.97 -13.77 11.81
N ALA B 93 -1.67 -13.65 12.92
CA ALA B 93 -2.54 -12.51 13.17
C ALA B 93 -2.67 -12.26 14.66
N GLY B 94 -3.11 -11.06 15.00
CA GLY B 94 -3.61 -10.74 16.34
C GLY B 94 -5.07 -11.08 16.49
N GLY B 95 -5.40 -11.88 17.50
CA GLY B 95 -6.76 -12.32 17.76
C GLY B 95 -7.57 -11.30 18.49
N LEU B 96 -8.77 -10.96 17.99
CA LEU B 96 -9.66 -10.04 18.69
C LEU B 96 -10.92 -10.73 19.24
N ALA B 97 -11.35 -11.80 18.62
CA ALA B 97 -12.53 -12.51 19.12
C ALA B 97 -12.13 -13.22 20.39
N SER B 98 -12.99 -13.19 21.40
CA SER B 98 -12.56 -13.68 22.71
C SER B 98 -12.35 -15.18 22.75
N THR B 99 -12.91 -15.92 21.80
CA THR B 99 -12.76 -17.36 21.85
C THR B 99 -11.42 -17.85 21.29
N LEU B 100 -10.64 -16.94 20.69
CA LEU B 100 -9.40 -17.32 20.03
C LEU B 100 -8.24 -17.51 21.00
N LYS B 101 -7.50 -18.59 20.80
CA LYS B 101 -6.30 -18.90 21.54
C LYS B 101 -5.13 -18.92 20.56
N VAL B 102 -3.91 -18.80 21.05
CA VAL B 102 -2.72 -18.92 20.19
C VAL B 102 -2.74 -20.22 19.40
N GLY B 103 -2.44 -20.14 18.11
CA GLY B 103 -2.49 -21.32 17.21
C GLY B 103 -3.78 -21.52 16.46
N ASP B 104 -4.88 -20.93 16.93
CA ASP B 104 -6.18 -21.10 16.25
C ASP B 104 -6.23 -20.34 14.93
N ILE B 105 -7.15 -20.76 14.09
CA ILE B 105 -7.24 -20.32 12.72
C ILE B 105 -8.26 -19.20 12.58
N VAL B 106 -7.91 -18.19 11.79
CA VAL B 106 -8.88 -17.19 11.35
C VAL B 106 -8.99 -17.17 9.83
N VAL B 107 -10.22 -17.15 9.35
CA VAL B 107 -10.54 -17.10 7.95
C VAL B 107 -11.35 -15.84 7.65
N SER B 108 -10.97 -15.10 6.61
CA SER B 108 -11.65 -13.88 6.29
C SER B 108 -12.96 -14.19 5.61
N ASP B 109 -14.04 -13.62 6.07
CA ASP B 109 -15.13 -13.43 5.12
C ASP B 109 -15.13 -12.01 4.52
N GLU B 110 -14.42 -11.10 5.18
CA GLU B 110 -14.27 -9.72 4.72
C GLU B 110 -12.97 -9.10 5.25
N THR B 111 -12.44 -8.13 4.52
CA THR B 111 -11.30 -7.33 4.96
C THR B 111 -11.56 -5.84 4.83
N ARG B 112 -11.16 -5.07 5.83
CA ARG B 112 -11.26 -3.61 5.80
C ARG B 112 -9.98 -3.00 6.35
N TYR B 113 -9.65 -1.79 5.89
CA TYR B 113 -8.58 -1.00 6.50
C TYR B 113 -9.07 -0.44 7.82
N HIS B 114 -8.32 -0.61 8.90
CA HIS B 114 -8.71 0.04 10.17
C HIS B 114 -8.14 1.42 10.35
N ASP B 115 -7.27 1.81 9.43
CA ASP B 115 -6.55 3.06 9.53
C ASP B 115 -6.82 4.02 8.36
N ALA B 116 -7.80 3.72 7.51
CA ALA B 116 -8.10 4.61 6.38
C ALA B 116 -9.21 5.57 6.85
N ASP B 117 -9.02 6.87 6.57
CA ASP B 117 -9.98 7.86 7.02
C ASP B 117 -10.08 9.00 6.05
N VAL B 118 -11.13 8.93 5.20
CA VAL B 118 -11.52 9.98 4.29
C VAL B 118 -12.96 10.42 4.61
N THR B 119 -13.29 10.34 5.90
CA THR B 119 -14.62 10.71 6.38
C THR B 119 -14.98 12.20 6.19
N ALA B 120 -13.99 13.07 5.95
CA ALA B 120 -14.26 14.47 5.61
C ALA B 120 -15.14 14.66 4.37
N PHE B 121 -15.12 13.67 3.49
CA PHE B 121 -15.87 13.71 2.25
C PHE B 121 -17.04 12.75 2.31
N GLY B 122 -17.35 12.29 3.53
CA GLY B 122 -18.55 11.51 3.78
C GLY B 122 -18.44 10.00 3.55
N TYR B 123 -17.23 9.50 3.31
CA TYR B 123 -16.99 8.09 3.22
C TYR B 123 -17.13 7.42 4.58
N GLU B 124 -17.47 6.15 4.56
CA GLU B 124 -17.47 5.32 5.74
C GLU B 124 -16.05 5.23 6.31
N TYR B 125 -15.92 5.21 7.63
CA TYR B 125 -14.59 5.03 8.22
C TYR B 125 -13.96 3.72 7.69
N GLY B 126 -12.67 3.78 7.31
CA GLY B 126 -11.94 2.64 6.71
C GLY B 126 -12.06 2.52 5.19
N GLN B 127 -12.98 3.27 4.60
CA GLN B 127 -13.21 3.17 3.16
C GLN B 127 -12.34 4.18 2.43
N LEU B 128 -11.75 3.76 1.31
CA LEU B 128 -11.02 4.67 0.44
C LEU B 128 -11.88 5.07 -0.75
N PRO B 129 -11.70 6.30 -1.25
CA PRO B 129 -12.40 6.71 -2.45
C PRO B 129 -12.19 5.73 -3.58
N GLY B 130 -13.28 5.37 -4.27
CA GLY B 130 -13.22 4.45 -5.38
C GLY B 130 -13.22 2.99 -5.01
N CYS B 131 -13.21 2.69 -3.71
CA CYS B 131 -13.29 1.31 -3.22
C CYS B 131 -14.57 1.02 -2.46
N PRO B 132 -14.98 -0.26 -2.40
CA PRO B 132 -16.01 -0.60 -1.43
C PRO B 132 -15.51 -0.36 -0.02
N ALA B 133 -16.45 -0.26 0.92
CA ALA B 133 -16.09 -0.05 2.31
C ALA B 133 -15.31 -1.25 2.81
N GLY B 134 -15.61 -2.44 2.29
CA GLY B 134 -14.89 -3.67 2.65
C GLY B 134 -14.82 -4.59 1.47
N PHE B 135 -13.81 -5.43 1.46
CA PHE B 135 -13.60 -6.37 0.41
C PHE B 135 -14.03 -7.74 0.87
N LYS B 136 -15.04 -8.30 0.20
CA LYS B 136 -15.54 -9.63 0.57
C LYS B 136 -14.67 -10.74 0.00
N ALA B 137 -14.30 -11.71 0.83
CA ALA B 137 -13.54 -12.87 0.35
C ALA B 137 -14.42 -13.78 -0.52
N ASP B 138 -13.80 -14.60 -1.35
CA ASP B 138 -14.51 -15.50 -2.26
C ASP B 138 -15.24 -16.64 -1.53
N ASP B 139 -16.56 -16.74 -1.74
CA ASP B 139 -17.39 -17.75 -1.08
C ASP B 139 -16.92 -19.18 -1.23
N LYS B 140 -16.51 -19.57 -2.43
CA LYS B 140 -16.00 -20.92 -2.65
C LYS B 140 -14.73 -21.19 -1.85
N LEU B 141 -13.83 -20.19 -1.81
CA LEU B 141 -12.60 -20.32 -1.02
C LEU B 141 -12.93 -20.45 0.46
N ILE B 142 -13.92 -19.70 0.94
CA ILE B 142 -14.34 -19.76 2.34
C ILE B 142 -14.92 -21.15 2.63
N ALA B 143 -15.78 -21.63 1.73
CA ALA B 143 -16.40 -22.95 1.91
C ALA B 143 -15.35 -24.06 2.00
N ALA B 144 -14.38 -24.03 1.11
CA ALA B 144 -13.29 -25.01 1.09
C ALA B 144 -12.41 -24.93 2.35
N ALA B 145 -12.07 -23.69 2.76
CA ALA B 145 -11.38 -23.48 4.02
C ALA B 145 -12.11 -24.06 5.23
N GLU B 146 -13.41 -23.83 5.33
CA GLU B 146 -14.26 -24.35 6.41
CA GLU B 146 -14.21 -24.36 6.43
C GLU B 146 -14.20 -25.88 6.47
N SER B 147 -14.31 -26.50 5.30
CA SER B 147 -14.22 -27.95 5.17
C SER B 147 -12.85 -28.51 5.60
N CYS B 148 -11.77 -27.77 5.36
CA CYS B 148 -10.43 -28.13 5.88
C CYS B 148 -10.36 -28.04 7.39
N ILE B 149 -10.91 -26.97 7.95
CA ILE B 149 -10.86 -26.77 9.40
C ILE B 149 -11.55 -27.95 10.09
N ARG B 150 -12.69 -28.36 9.53
CA ARG B 150 -13.49 -29.47 10.06
C ARG B 150 -12.78 -30.80 9.94
N GLU B 151 -12.17 -31.04 8.78
CA GLU B 151 -11.38 -32.26 8.57
C GLU B 151 -10.21 -32.32 9.54
N LEU B 152 -9.52 -31.20 9.75
CA LEU B 152 -8.33 -31.17 10.64
C LEU B 152 -8.67 -31.04 12.12
N ASN B 153 -9.94 -30.81 12.41
CA ASN B 153 -10.47 -30.68 13.76
C ASN B 153 -9.81 -29.53 14.51
N LEU B 154 -9.74 -28.37 13.87
CA LEU B 154 -9.08 -27.21 14.45
C LEU B 154 -10.15 -26.22 14.93
N ASN B 155 -9.77 -25.38 15.89
CA ASN B 155 -10.62 -24.29 16.36
CA ASN B 155 -10.60 -24.29 16.38
C ASN B 155 -10.39 -23.09 15.45
N ALA B 156 -11.48 -22.51 14.95
CA ALA B 156 -11.39 -21.41 14.02
C ALA B 156 -12.49 -20.40 14.18
N VAL B 157 -12.22 -19.18 13.71
CA VAL B 157 -13.21 -18.13 13.62
C VAL B 157 -13.22 -17.56 12.22
N ARG B 158 -14.41 -17.42 11.66
CA ARG B 158 -14.61 -16.76 10.39
C ARG B 158 -15.22 -15.38 10.61
N GLY B 159 -14.66 -14.37 9.93
CA GLY B 159 -15.23 -13.07 10.03
C GLY B 159 -14.46 -11.95 9.40
N LEU B 160 -14.66 -10.75 9.95
CA LEU B 160 -13.98 -9.58 9.44
C LEU B 160 -12.53 -9.51 9.97
N ILE B 161 -11.57 -9.33 9.07
CA ILE B 161 -10.19 -9.10 9.43
C ILE B 161 -9.81 -7.68 9.04
N VAL B 162 -9.22 -6.96 9.96
CA VAL B 162 -8.81 -5.58 9.66
C VAL B 162 -7.28 -5.44 9.55
N SER B 163 -6.84 -4.59 8.62
CA SER B 163 -5.42 -4.33 8.38
C SER B 163 -5.07 -2.88 8.49
N GLY B 164 -3.85 -2.63 8.94
CA GLY B 164 -3.28 -1.29 8.96
C GLY B 164 -1.78 -1.39 9.06
N ASP B 165 -1.07 -0.27 8.96
CA ASP B 165 0.40 -0.28 9.09
C ASP B 165 0.90 -0.14 10.52
N ALA B 166 0.26 -0.83 11.45
CA ALA B 166 0.60 -0.73 12.86
C ALA B 166 0.58 -2.10 13.50
N PHE B 167 1.57 -2.39 14.34
CA PHE B 167 1.49 -3.57 15.17
C PHE B 167 0.69 -3.22 16.42
N ILE B 168 -0.41 -3.94 16.62
CA ILE B 168 -1.32 -3.59 17.72
C ILE B 168 -0.90 -4.23 19.03
N ASN B 169 -0.74 -3.38 20.05
CA ASN B 169 -0.12 -3.75 21.32
C ASN B 169 -0.89 -3.13 22.48
N GLY B 170 -2.20 -3.35 22.50
CA GLY B 170 -3.06 -2.87 23.57
C GLY B 170 -3.25 -1.38 23.60
N SER B 171 -3.67 -0.90 24.76
CA SER B 171 -3.85 0.54 25.02
C SER B 171 -4.73 1.16 23.95
N VAL B 172 -4.41 2.37 23.54
CA VAL B 172 -5.28 3.13 22.63
C VAL B 172 -5.45 2.50 21.24
N GLY B 173 -4.40 1.90 20.72
CA GLY B 173 -4.41 1.27 19.40
C GLY B 173 -5.44 0.18 19.34
N LEU B 174 -5.47 -0.67 20.35
CA LEU B 174 -6.46 -1.71 20.41
C LEU B 174 -7.87 -1.16 20.65
N ALA B 175 -8.01 -0.24 21.62
CA ALA B 175 -9.31 0.36 21.94
C ALA B 175 -9.98 0.96 20.70
N LYS B 176 -9.20 1.71 19.92
CA LYS B 176 -9.70 2.37 18.73
C LYS B 176 -10.29 1.36 17.71
N ILE B 177 -9.57 0.26 17.47
CA ILE B 177 -10.04 -0.77 16.60
C ILE B 177 -11.31 -1.43 17.13
N ARG B 178 -11.37 -1.77 18.42
CA ARG B 178 -12.56 -2.39 18.98
C ARG B 178 -13.79 -1.46 18.86
N HIS B 179 -13.56 -0.18 19.01
CA HIS B 179 -14.60 0.83 18.89
C HIS B 179 -15.09 0.96 17.44
N ASN B 180 -14.17 1.08 16.49
CA ASN B 180 -14.49 1.33 15.10
C ASN B 180 -14.98 0.08 14.37
N PHE B 181 -14.52 -1.09 14.80
CA PHE B 181 -14.85 -2.36 14.09
C PHE B 181 -15.14 -3.41 15.13
N PRO B 182 -16.31 -3.29 15.78
CA PRO B 182 -16.60 -4.21 16.84
C PRO B 182 -16.79 -5.65 16.37
N ASP B 183 -17.07 -5.87 15.09
CA ASP B 183 -17.18 -7.22 14.54
C ASP B 183 -15.86 -7.81 14.01
N ALA B 184 -14.76 -7.06 14.09
CA ALA B 184 -13.50 -7.59 13.61
C ALA B 184 -13.04 -8.73 14.53
N VAL B 185 -12.66 -9.86 13.93
CA VAL B 185 -12.21 -11.04 14.68
C VAL B 185 -10.68 -11.10 14.80
N ALA B 186 -9.97 -10.40 13.91
CA ALA B 186 -8.50 -10.37 13.96
C ALA B 186 -7.94 -9.14 13.29
N VAL B 187 -6.70 -8.80 13.65
CA VAL B 187 -6.01 -7.69 13.05
C VAL B 187 -4.67 -8.18 12.48
N GLU B 188 -4.29 -7.61 11.34
CA GLU B 188 -2.97 -7.82 10.78
C GLU B 188 -2.54 -6.61 9.92
N MET B 189 -1.54 -6.76 9.04
CA MET B 189 -0.93 -5.61 8.42
C MET B 189 -0.83 -5.67 6.90
N GLU B 190 -1.30 -6.76 6.30
CA GLU B 190 -1.18 -6.95 4.87
C GLU B 190 -2.49 -7.38 4.15
N ALA B 191 -3.38 -8.08 4.86
CA ALA B 191 -4.53 -8.77 4.18
C ALA B 191 -5.39 -7.90 3.28
N THR B 192 -5.74 -6.73 3.79
CA THR B 192 -6.67 -5.86 3.06
C THR B 192 -6.02 -5.26 1.82
N ALA B 193 -4.73 -4.97 1.89
CA ALA B 193 -3.97 -4.55 0.72
C ALA B 193 -3.97 -5.61 -0.37
N ILE B 194 -3.79 -6.87 0.00
CA ILE B 194 -3.80 -7.92 -0.98
C ILE B 194 -5.24 -8.08 -1.55
N ALA B 195 -6.23 -7.98 -0.68
CA ALA B 195 -7.63 -8.00 -1.12
C ALA B 195 -7.95 -6.90 -2.13
N HIS B 196 -7.45 -5.70 -1.88
CA HIS B 196 -7.63 -4.53 -2.75
C HIS B 196 -7.02 -4.79 -4.13
N VAL B 197 -5.80 -5.32 -4.19
CA VAL B 197 -5.15 -5.60 -5.46
C VAL B 197 -5.99 -6.66 -6.24
N CYS B 198 -6.37 -7.72 -5.53
CA CYS B 198 -7.20 -8.78 -6.08
C CYS B 198 -8.56 -8.32 -6.61
N HIS B 199 -9.20 -7.42 -5.90
CA HIS B 199 -10.43 -6.80 -6.36
C HIS B 199 -10.24 -6.09 -7.71
N ASN B 200 -9.14 -5.34 -7.82
CA ASN B 200 -8.84 -4.58 -9.01
C ASN B 200 -8.48 -5.44 -10.18
N PHE B 201 -7.99 -6.65 -9.93
CA PHE B 201 -7.69 -7.60 -10.97
C PHE B 201 -8.73 -8.69 -11.07
N ASN B 202 -9.76 -8.59 -10.23
CA ASN B 202 -10.85 -9.55 -10.19
C ASN B 202 -10.38 -11.00 -10.06
N VAL B 203 -9.51 -11.24 -9.07
CA VAL B 203 -9.04 -12.58 -8.74
C VAL B 203 -9.53 -12.95 -7.35
N PRO B 204 -10.09 -14.18 -7.21
CA PRO B 204 -10.57 -14.71 -5.92
C PRO B 204 -9.50 -14.74 -4.81
N PHE B 205 -9.86 -14.27 -3.62
CA PHE B 205 -8.92 -14.09 -2.52
C PHE B 205 -9.51 -14.66 -1.24
N VAL B 206 -8.65 -15.20 -0.37
CA VAL B 206 -9.03 -15.55 1.00
C VAL B 206 -7.82 -15.40 1.95
N VAL B 207 -8.12 -15.04 3.17
CA VAL B 207 -7.12 -15.00 4.23
C VAL B 207 -7.26 -16.22 5.13
N VAL B 208 -6.16 -16.96 5.31
CA VAL B 208 -6.12 -18.09 6.20
C VAL B 208 -4.90 -17.93 7.12
N ARG B 209 -5.12 -17.31 8.28
CA ARG B 209 -4.04 -17.06 9.21
C ARG B 209 -4.26 -17.80 10.51
N ALA B 210 -3.25 -17.74 11.36
CA ALA B 210 -3.32 -18.30 12.70
C ALA B 210 -2.82 -17.30 13.76
N ILE B 211 -3.33 -17.46 14.96
CA ILE B 211 -3.16 -16.48 16.01
C ILE B 211 -1.81 -16.64 16.71
N SER B 212 -1.07 -15.55 16.76
CA SER B 212 0.21 -15.47 17.49
C SER B 212 0.13 -14.73 18.83
N ASP B 213 -0.94 -13.94 19.01
CA ASP B 213 -1.10 -13.02 20.14
C ASP B 213 -2.53 -12.47 20.08
N VAL B 214 -2.94 -11.74 21.11
CA VAL B 214 -4.30 -11.18 21.17
C VAL B 214 -4.31 -9.65 21.14
N ALA B 215 -3.22 -9.09 20.60
CA ALA B 215 -3.09 -7.66 20.27
C ALA B 215 -3.20 -6.73 21.47
N ASP B 216 -2.89 -7.24 22.66
CA ASP B 216 -3.00 -6.51 23.92
C ASP B 216 -1.61 -6.04 24.38
N GLN B 217 -1.49 -5.61 25.64
CA GLN B 217 -0.21 -5.07 26.10
C GLN B 217 0.93 -6.10 26.10
N GLN B 218 0.59 -7.37 26.12
CA GLN B 218 1.57 -8.45 26.01
C GLN B 218 1.91 -8.91 24.58
N SER B 219 1.32 -8.27 23.56
CA SER B 219 1.34 -8.85 22.19
C SER B 219 2.75 -9.00 21.60
N HIS B 220 3.67 -8.11 21.98
CA HIS B 220 5.02 -8.17 21.44
C HIS B 220 5.71 -9.45 21.94
N LEU B 221 5.51 -9.75 23.22
CA LEU B 221 6.09 -10.96 23.82
C LEU B 221 5.42 -12.23 23.33
N SER B 222 4.09 -12.21 23.22
CA SER B 222 3.34 -13.35 22.72
C SER B 222 3.73 -13.64 21.26
N PHE B 223 3.82 -12.59 20.46
CA PHE B 223 4.20 -12.72 19.07
C PHE B 223 5.58 -13.39 18.90
N ASP B 224 6.58 -12.92 19.66
CA ASP B 224 7.89 -13.56 19.58
C ASP B 224 7.83 -15.04 19.91
N GLU B 225 7.10 -15.38 20.96
CA GLU B 225 7.03 -16.77 21.41
C GLU B 225 6.22 -17.68 20.52
N PHE B 226 5.20 -17.13 19.86
CA PHE B 226 4.20 -17.97 19.22
C PHE B 226 4.12 -17.80 17.72
N LEU B 227 5.00 -16.99 17.15
CA LEU B 227 5.05 -16.88 15.68
C LEU B 227 5.27 -18.24 15.02
N ALA B 228 6.13 -19.08 15.59
CA ALA B 228 6.42 -20.40 15.02
C ALA B 228 5.20 -21.32 15.02
N VAL B 229 4.45 -21.30 16.11
CA VAL B 229 3.22 -22.08 16.20
C VAL B 229 2.18 -21.56 15.22
N ALA B 230 2.05 -20.25 15.13
CA ALA B 230 1.13 -19.65 14.14
C ALA B 230 1.57 -20.03 12.71
N ALA B 231 2.87 -19.93 12.40
CA ALA B 231 3.30 -20.39 11.07
C ALA B 231 2.98 -21.87 10.79
N LYS B 232 3.20 -22.73 11.79
CA LYS B 232 2.97 -24.16 11.62
C LYS B 232 1.50 -24.47 11.31
N GLN B 233 0.59 -23.88 12.09
CA GLN B 233 -0.86 -24.10 11.89
C GLN B 233 -1.40 -23.49 10.62
N SER B 234 -0.98 -22.27 10.28
CA SER B 234 -1.40 -21.69 9.00
CA SER B 234 -1.38 -21.67 8.99
C SER B 234 -0.88 -22.50 7.81
N THR B 235 0.34 -23.02 7.91
CA THR B 235 0.92 -23.87 6.84
C THR B 235 0.12 -25.15 6.66
N LEU B 236 -0.18 -25.81 7.79
CA LEU B 236 -1.06 -26.98 7.80
C LEU B 236 -2.35 -26.69 7.03
N MET B 237 -3.02 -25.58 7.39
CA MET B 237 -4.27 -25.22 6.68
C MET B 237 -4.09 -24.99 5.21
N VAL B 238 -3.02 -24.27 4.84
CA VAL B 238 -2.88 -23.84 3.47
C VAL B 238 -2.59 -25.03 2.57
N GLU B 239 -1.76 -25.95 3.00
CA GLU B 239 -1.49 -27.12 2.18
C GLU B 239 -2.71 -28.03 2.08
N THR B 240 -3.50 -28.11 3.14
CA THR B 240 -4.73 -28.88 3.10
C THR B 240 -5.68 -28.21 2.14
N LEU B 241 -5.74 -26.88 2.17
CA LEU B 241 -6.64 -26.16 1.25
C LEU B 241 -6.22 -26.29 -0.21
N VAL B 242 -4.92 -26.23 -0.46
CA VAL B 242 -4.41 -26.34 -1.82
C VAL B 242 -4.87 -27.68 -2.37
N GLN B 243 -4.71 -28.73 -1.57
CA GLN B 243 -5.09 -30.09 -1.96
C GLN B 243 -6.59 -30.17 -2.26
N LYS B 244 -7.41 -29.57 -1.40
CA LYS B 244 -8.86 -29.55 -1.61
C LYS B 244 -9.28 -28.76 -2.87
N LEU B 245 -8.68 -27.60 -3.12
CA LEU B 245 -9.06 -26.84 -4.32
C LEU B 245 -8.76 -27.59 -5.63
N ALA B 246 -7.71 -28.41 -5.66
CA ALA B 246 -7.32 -29.16 -6.87
C ALA B 246 -8.22 -30.36 -7.19
O HCE C . -14.71 12.63 -2.67
C HCE C . -13.72 12.09 -3.24
OXT HCE C . -13.73 10.96 -3.75
CA HCE C . -12.43 12.88 -3.36
N HCE C . -12.73 14.31 -3.46
CB HCE C . -11.57 12.58 -2.16
CG HCE C . -10.18 12.98 -2.56
S5' HCE C . -9.00 12.48 -1.21
C5' HCE C . -7.75 13.78 -1.34
C4' HCE C . -6.75 13.41 -2.47
C1' HCE C . -5.78 14.55 -2.66
C3' HCE C . -5.87 12.24 -2.16
O3' HCE C . -5.37 11.62 -3.38
C2' HCE C . -4.70 12.82 -1.32
N1' HCE C . -4.46 14.01 -2.19
C10 HCE C . -3.57 15.04 -1.71
C9 HCE C . -4.07 15.93 -0.49
C8 HCE C . -4.40 17.22 -0.58
N7 HCE C . -4.75 17.64 0.63
C5 HCE C . -4.60 16.63 1.52
C4 HCE C . -4.16 15.56 0.80
N3 HCE C . -3.94 14.36 1.41
C2 HCE C . -4.14 14.25 2.79
N1 HCE C . -4.61 15.34 3.51
C6 HCE C . -4.79 16.51 2.87
N6 HCE C . -5.22 17.57 3.59
C1 EDO D . 9.14 -3.78 1.81
O1 EDO D . 8.79 -3.96 0.42
C2 EDO D . 9.40 -5.12 2.48
O2 EDO D . 10.74 -5.14 2.97
O HCE E . 11.16 -6.91 14.27
C HCE E . 10.61 -7.35 13.24
OXT HCE E . 10.97 -7.13 12.08
CA HCE E . 9.31 -8.14 13.39
N HCE E . 9.20 -8.69 14.75
CB HCE E . 8.18 -7.17 13.11
CG HCE E . 6.97 -8.04 12.85
S5' HCE E . 5.50 -6.96 12.57
C5' HCE E . 4.27 -8.19 12.82
C4' HCE E . 3.98 -8.98 11.53
C1' HCE E . 3.02 -10.08 11.94
C3' HCE E . 3.35 -8.22 10.38
O3' HCE E . 3.66 -8.84 9.06
C2' HCE E . 1.88 -8.36 10.68
N1' HCE E . 1.83 -9.81 11.08
C10 HCE E . 0.54 -10.17 11.64
C9 HCE E . 0.26 -9.87 13.14
C8 HCE E . 0.34 -10.72 14.16
N7 HCE E . 0.01 -10.03 15.29
C5 HCE E . -0.29 -8.74 14.97
C4 HCE E . -0.16 -8.67 13.60
N3 HCE E . -0.32 -7.49 12.96
C2 HCE E . -0.71 -6.37 13.64
N1 HCE E . -0.88 -6.44 15.04
C6 HCE E . -0.67 -7.62 15.65
N6 HCE E . -0.86 -7.66 16.96
C1 EDO F . -16.34 1.65 9.69
O1 EDO F . -17.09 1.51 8.48
C2 EDO F . -17.14 1.17 10.90
O2 EDO F . -16.98 -0.26 11.11
#